data_6U4Z
#
_entry.id   6U4Z
#
_cell.length_a   55.420
_cell.length_b   58.520
_cell.length_c   159.080
_cell.angle_alpha   90.000
_cell.angle_beta   90.000
_cell.angle_gamma   90.000
#
_symmetry.space_group_name_H-M   'P 21 21 21'
#
loop_
_entity.id
_entity.type
_entity.pdbx_description
1 polymer Alpha-1,6-mannanase
2 non-polymer 'HEXAETHYLENE GLYCOL'
3 non-polymer 1,2-ETHANEDIOL
4 water water
#
_entity_poly.entity_id   1
_entity_poly.type   'polypeptide(L)'
_entity_poly.pdbx_seq_one_letter_code
;MGSSHHHHHHSSGLVPRGSHMQKIDPVGQLEVYKTSREKEILVKFIRTNYVKDIQIEIAYRNTESGENGEWTTIVLNGDN
YKYGGNYLLQVPAEGTYEVAITLIGANELRSESKSQLASTFEYVKTSMFDCAHSMMTCVIKYYYHKGPRTCWQTYYPKEQ
GYWDGDAVVWGQGGGLSAFVALREASVDTEQEEYYRSLEDDMFKGIQHFWVTDHGRTAYSVYPDSGNDRFYDDNVWIGLD
MAKWYAISKDVRYLNQAKAVWDYLSQYGWDNTCGGGVHWKELNEPSKSKHTCSTAPTGVLSCKLYQLTHEQKYLDKAIEC
FNWLQAYMQDPSDHLYYDNVSPDPEDPTQPGRMETNKYSYNSGQPLQLACLLYKITKNESYLTVAHQIAEACHKKWFTSY
HSEVLQRDFNILAPGHAWFNTVMCRGFFELYSIDKNPSYLEDVRNTMLHAWFGKAHHISGLINDEDLSGAVSMNKWEILR
QASLVELYALLAIWESGKDQTVLL
;
_entity_poly.pdbx_strand_id   A
#
# COMPACT_ATOMS: atom_id res chain seq x y z
N ILE A 24 -5.18 -49.73 27.76
CA ILE A 24 -4.27 -48.62 27.52
C ILE A 24 -4.93 -47.29 27.90
N ASP A 25 -4.26 -46.54 28.77
CA ASP A 25 -4.80 -45.25 29.18
C ASP A 25 -4.64 -44.24 28.04
N PRO A 26 -5.58 -43.33 27.86
CA PRO A 26 -5.47 -42.32 26.80
C PRO A 26 -4.57 -41.19 27.27
N VAL A 27 -4.41 -40.18 26.41
CA VAL A 27 -3.74 -38.97 26.87
C VAL A 27 -4.63 -38.30 27.91
N GLY A 28 -4.01 -37.69 28.91
CA GLY A 28 -4.78 -37.00 29.93
C GLY A 28 -5.39 -35.72 29.41
N GLN A 29 -4.65 -34.99 28.59
CA GLN A 29 -5.12 -33.72 28.05
C GLN A 29 -4.63 -33.57 26.63
N LEU A 30 -5.44 -32.89 25.81
CA LEU A 30 -5.06 -32.53 24.45
C LEU A 30 -5.59 -31.12 24.21
N GLU A 31 -4.71 -30.22 23.78
CA GLU A 31 -5.11 -28.89 23.34
C GLU A 31 -4.42 -28.60 22.02
N VAL A 32 -5.12 -27.93 21.12
CA VAL A 32 -4.58 -27.63 19.80
C VAL A 32 -4.77 -26.14 19.53
N TYR A 33 -3.80 -25.54 18.84
CA TYR A 33 -3.76 -24.09 18.70
C TYR A 33 -3.31 -23.71 17.30
N LYS A 34 -3.92 -22.65 16.79
CA LYS A 34 -3.33 -21.87 15.73
C LYS A 34 -1.97 -21.34 16.19
N THR A 35 -1.08 -21.11 15.24
CA THR A 35 0.21 -20.50 15.53
C THR A 35 0.35 -19.21 14.73
N SER A 36 1.53 -18.60 14.79
N SER A 36 1.54 -18.61 14.80
CA SER A 36 1.82 -17.41 14.01
CA SER A 36 1.83 -17.42 14.01
C SER A 36 2.22 -17.74 12.58
C SER A 36 2.20 -17.74 12.57
N ARG A 37 2.33 -19.02 12.22
CA ARG A 37 2.71 -19.42 10.88
C ARG A 37 1.53 -20.10 10.20
N GLU A 38 1.46 -19.95 8.87
CA GLU A 38 0.34 -20.46 8.12
C GLU A 38 0.31 -21.99 8.14
N LYS A 39 -0.89 -22.53 7.98
CA LYS A 39 -1.08 -23.97 7.76
C LYS A 39 -0.37 -24.78 8.84
N GLU A 40 -0.55 -24.36 10.09
CA GLU A 40 0.14 -24.99 11.22
C GLU A 40 -0.83 -25.12 12.38
N ILE A 41 -0.83 -26.29 13.00
CA ILE A 41 -1.56 -26.52 14.24
C ILE A 41 -0.56 -27.04 15.26
N LEU A 42 -0.45 -26.33 16.38
CA LEU A 42 0.39 -26.78 17.48
C LEU A 42 -0.44 -27.69 18.36
N VAL A 43 0.02 -28.93 18.52
CA VAL A 43 -0.66 -29.93 19.32
C VAL A 43 0.08 -30.03 20.64
N LYS A 44 -0.61 -29.77 21.74
CA LYS A 44 -0.01 -29.89 23.06
C LYS A 44 -0.78 -30.93 23.84
N PHE A 45 -0.06 -31.90 24.41
CA PHE A 45 -0.71 -33.01 25.07
C PHE A 45 0.02 -33.37 26.34
N ILE A 46 -0.73 -33.97 27.26
CA ILE A 46 -0.30 -34.35 28.59
C ILE A 46 -0.58 -35.85 28.73
N ARG A 47 0.39 -36.61 29.19
CA ARG A 47 0.15 -38.02 29.49
C ARG A 47 -0.23 -38.16 30.95
N THR A 48 -1.39 -38.78 31.22
CA THR A 48 -1.84 -38.98 32.59
C THR A 48 -0.74 -39.58 33.45
N ASN A 49 -0.08 -40.64 32.94
CA ASN A 49 1.15 -41.15 33.51
C ASN A 49 2.03 -41.66 32.38
N TYR A 50 3.33 -41.72 32.64
CA TYR A 50 4.28 -42.28 31.69
C TYR A 50 4.21 -43.80 31.72
N VAL A 51 3.91 -44.41 30.57
CA VAL A 51 3.90 -45.85 30.40
C VAL A 51 4.96 -46.18 29.36
N LYS A 52 5.84 -47.13 29.67
CA LYS A 52 6.90 -47.49 28.74
C LYS A 52 6.31 -48.17 27.50
N ASP A 53 7.02 -48.01 26.38
CA ASP A 53 6.68 -48.69 25.11
C ASP A 53 5.27 -48.33 24.62
N ILE A 54 4.91 -47.05 24.75
CA ILE A 54 3.65 -46.56 24.22
C ILE A 54 3.96 -45.65 23.03
N GLN A 55 3.17 -45.81 21.96
CA GLN A 55 3.29 -44.96 20.79
C GLN A 55 2.17 -43.93 20.79
N ILE A 56 2.46 -42.77 20.22
CA ILE A 56 1.55 -41.64 20.24
C ILE A 56 1.10 -41.36 18.82
N GLU A 57 -0.16 -41.67 18.54
CA GLU A 57 -0.71 -41.43 17.21
C GLU A 57 -1.37 -40.06 17.19
N ILE A 58 -0.87 -39.18 16.34
CA ILE A 58 -1.50 -37.88 16.12
C ILE A 58 -2.13 -37.91 14.74
N ALA A 59 -3.44 -37.74 14.69
CA ALA A 59 -4.18 -37.81 13.45
C ALA A 59 -4.98 -36.53 13.27
N TYR A 60 -5.10 -36.08 12.02
CA TYR A 60 -5.93 -34.92 11.74
C TYR A 60 -6.72 -35.11 10.46
N ARG A 61 -7.80 -34.36 10.37
CA ARG A 61 -8.54 -34.25 9.12
C ARG A 61 -9.21 -32.90 9.09
N ASN A 62 -9.36 -32.37 7.89
CA ASN A 62 -10.15 -31.18 7.69
C ASN A 62 -11.60 -31.51 8.02
N THR A 63 -12.24 -30.65 8.81
CA THR A 63 -13.62 -30.96 9.20
C THR A 63 -14.58 -30.91 8.02
N GLU A 64 -14.17 -30.35 6.89
CA GLU A 64 -15.05 -30.30 5.72
C GLU A 64 -15.45 -31.68 5.22
N SER A 65 -14.65 -32.71 5.53
CA SER A 65 -14.96 -34.06 5.06
C SER A 65 -15.96 -34.79 5.95
N GLY A 66 -16.30 -34.25 7.12
CA GLY A 66 -17.26 -34.91 7.98
C GLY A 66 -16.68 -36.12 8.67
N GLU A 67 -17.57 -36.87 9.33
CA GLU A 67 -17.13 -37.92 10.23
C GLU A 67 -16.56 -39.14 9.52
N ASN A 68 -16.88 -39.31 8.23
CA ASN A 68 -16.30 -40.36 7.43
C ASN A 68 -15.03 -39.90 6.72
N GLY A 69 -14.60 -38.67 6.95
CA GLY A 69 -13.42 -38.16 6.28
C GLY A 69 -12.18 -38.94 6.70
N GLU A 70 -11.27 -39.11 5.75
CA GLU A 70 -10.04 -39.84 6.02
C GLU A 70 -9.10 -39.02 6.88
N TRP A 71 -8.31 -39.71 7.68
CA TRP A 71 -7.35 -39.09 8.58
C TRP A 71 -5.95 -39.11 7.99
N THR A 72 -5.19 -38.07 8.31
CA THR A 72 -3.75 -38.06 8.06
C THR A 72 -3.07 -38.27 9.39
N THR A 73 -2.26 -39.32 9.46
N THR A 73 -2.20 -39.27 9.44
CA THR A 73 -1.74 -39.80 10.73
CA THR A 73 -1.76 -39.84 10.70
C THR A 73 -0.22 -39.83 10.73
C THR A 73 -0.24 -39.96 10.76
N ILE A 74 0.33 -39.66 11.92
CA ILE A 74 1.73 -39.92 12.21
C ILE A 74 1.78 -40.55 13.59
N VAL A 75 2.71 -41.47 13.79
CA VAL A 75 2.86 -42.17 15.05
C VAL A 75 4.26 -41.87 15.60
N LEU A 76 4.30 -41.39 16.84
CA LEU A 76 5.53 -40.99 17.49
C LEU A 76 5.86 -41.97 18.61
N ASN A 77 7.16 -42.07 18.91
CA ASN A 77 7.62 -42.90 20.02
C ASN A 77 7.36 -42.17 21.32
N GLY A 78 6.54 -42.77 22.20
CA GLY A 78 6.22 -42.15 23.46
C GLY A 78 7.40 -41.99 24.39
N ASP A 79 8.48 -42.75 24.18
CA ASP A 79 9.65 -42.55 25.01
C ASP A 79 10.31 -41.19 24.77
N ASN A 80 10.01 -40.53 23.65
CA ASN A 80 10.45 -39.18 23.39
C ASN A 80 9.45 -38.14 23.88
N TYR A 81 8.37 -38.59 24.50
CA TYR A 81 7.30 -37.73 25.00
C TYR A 81 6.76 -38.34 26.28
N LYS A 82 7.64 -38.48 27.27
CA LYS A 82 7.34 -39.33 28.42
C LYS A 82 6.11 -38.84 29.17
N TYR A 83 5.98 -37.52 29.34
CA TYR A 83 4.87 -36.93 30.05
C TYR A 83 3.99 -36.11 29.12
N GLY A 84 4.10 -36.35 27.83
CA GLY A 84 3.38 -35.57 26.86
C GLY A 84 4.35 -34.75 26.05
N GLY A 85 3.87 -33.63 25.53
CA GLY A 85 4.74 -32.73 24.82
C GLY A 85 3.95 -31.94 23.81
N ASN A 86 4.66 -31.48 22.80
CA ASN A 86 4.04 -30.71 21.74
C ASN A 86 4.58 -31.18 20.40
N TYR A 87 3.74 -31.04 19.38
CA TYR A 87 4.12 -31.39 18.02
C TYR A 87 3.43 -30.41 17.11
N LEU A 88 4.15 -29.96 16.09
CA LEU A 88 3.62 -29.00 15.13
C LEU A 88 3.15 -29.74 13.89
N LEU A 89 1.85 -29.66 13.62
CA LEU A 89 1.28 -30.24 12.40
C LEU A 89 1.29 -29.22 11.30
N GLN A 90 1.88 -29.57 10.17
CA GLN A 90 1.78 -28.76 8.96
C GLN A 90 0.68 -29.35 8.10
N VAL A 91 -0.39 -28.59 7.92
CA VAL A 91 -1.60 -29.05 7.24
C VAL A 91 -1.66 -28.49 5.82
N PRO A 92 -2.49 -29.04 4.94
CA PRO A 92 -2.42 -28.67 3.52
C PRO A 92 -3.04 -27.32 3.17
N ALA A 93 -3.85 -26.79 4.04
CA ALA A 93 -4.57 -25.58 3.63
C ALA A 93 -5.12 -24.86 4.84
N GLU A 94 -5.59 -23.64 4.60
CA GLU A 94 -6.46 -22.98 5.57
C GLU A 94 -7.66 -23.87 5.84
N GLY A 95 -8.15 -23.84 7.07
CA GLY A 95 -9.37 -24.56 7.38
C GLY A 95 -9.43 -24.90 8.84
N THR A 96 -10.51 -25.54 9.20
CA THR A 96 -10.62 -26.04 10.56
C THR A 96 -10.41 -27.54 10.53
N TYR A 97 -9.64 -28.01 11.50
CA TYR A 97 -9.17 -29.38 11.52
C TYR A 97 -9.51 -30.03 12.84
N GLU A 98 -9.91 -31.29 12.76
CA GLU A 98 -10.04 -32.13 13.93
C GLU A 98 -8.71 -32.85 14.12
N VAL A 99 -8.17 -32.77 15.34
CA VAL A 99 -6.92 -33.42 15.68
C VAL A 99 -7.22 -34.42 16.78
N ALA A 100 -6.86 -35.67 16.55
CA ALA A 100 -7.10 -36.75 17.52
C ALA A 100 -5.78 -37.36 17.95
N ILE A 101 -5.65 -37.63 19.24
CA ILE A 101 -4.50 -38.35 19.78
C ILE A 101 -4.99 -39.67 20.36
N THR A 102 -4.33 -40.75 19.96
CA THR A 102 -4.59 -42.08 20.45
C THR A 102 -3.27 -42.66 20.90
N LEU A 103 -3.25 -43.28 22.07
CA LEU A 103 -2.06 -43.96 22.54
C LEU A 103 -2.19 -45.44 22.21
N ILE A 104 -1.09 -46.04 21.78
CA ILE A 104 -1.09 -47.39 21.23
C ILE A 104 -0.10 -48.23 22.04
N GLY A 105 -0.58 -49.34 22.59
CA GLY A 105 0.24 -50.25 23.36
C GLY A 105 0.70 -51.44 22.54
N ALA A 106 1.12 -52.49 23.25
CA ALA A 106 1.55 -53.71 22.59
C ALA A 106 0.36 -54.40 21.91
N ASN A 107 0.68 -55.22 20.90
CA ASN A 107 -0.31 -55.84 20.04
C ASN A 107 -1.23 -54.82 19.36
N GLU A 108 -0.73 -53.59 19.19
CA GLU A 108 -1.48 -52.49 18.59
C GLU A 108 -2.78 -52.20 19.33
N LEU A 109 -2.80 -52.41 20.65
CA LEU A 109 -3.98 -52.10 21.44
C LEU A 109 -4.10 -50.58 21.58
N ARG A 110 -5.20 -50.02 21.10
CA ARG A 110 -5.39 -48.58 21.07
C ARG A 110 -6.22 -48.11 22.25
N SER A 111 -5.78 -47.01 22.86
CA SER A 111 -6.56 -46.36 23.89
C SER A 111 -7.77 -45.68 23.25
N GLU A 112 -8.60 -45.09 24.10
CA GLU A 112 -9.62 -44.17 23.61
C GLU A 112 -8.92 -42.98 22.96
N SER A 113 -9.54 -42.46 21.91
CA SER A 113 -9.03 -41.27 21.25
C SER A 113 -9.64 -40.03 21.89
N LYS A 114 -8.88 -38.95 21.88
CA LYS A 114 -9.37 -37.65 22.29
C LYS A 114 -9.13 -36.68 21.14
N SER A 115 -10.10 -35.81 20.91
CA SER A 115 -10.09 -34.92 19.76
C SER A 115 -10.31 -33.48 20.19
N GLN A 116 -9.74 -32.56 19.41
CA GLN A 116 -9.95 -31.13 19.56
C GLN A 116 -9.95 -30.51 18.17
N LEU A 117 -10.58 -29.36 18.05
CA LEU A 117 -10.61 -28.62 16.79
C LEU A 117 -9.70 -27.41 16.86
N ALA A 118 -9.05 -27.11 15.74
CA ALA A 118 -8.31 -25.87 15.61
C ALA A 118 -8.40 -25.41 14.17
N SER A 119 -8.25 -24.11 13.98
CA SER A 119 -8.30 -23.51 12.66
C SER A 119 -6.95 -22.88 12.36
N THR A 120 -6.61 -22.87 11.08
CA THR A 120 -5.40 -22.18 10.67
C THR A 120 -5.67 -21.49 9.34
N PHE A 121 -4.65 -20.79 8.84
CA PHE A 121 -4.81 -19.81 7.79
C PHE A 121 -3.73 -20.01 6.74
N GLU A 122 -3.91 -19.36 5.59
CA GLU A 122 -2.89 -19.27 4.57
C GLU A 122 -2.51 -17.81 4.41
N TYR A 123 -1.20 -17.55 4.28
CA TYR A 123 -0.74 -16.18 4.08
C TYR A 123 -1.44 -15.54 2.89
N VAL A 124 -1.59 -16.29 1.80
CA VAL A 124 -2.09 -15.70 0.58
C VAL A 124 -3.55 -15.29 0.72
N LYS A 125 -4.27 -15.83 1.69
CA LYS A 125 -5.66 -15.48 1.93
C LYS A 125 -5.81 -14.36 2.96
N THR A 126 -4.70 -13.71 3.31
CA THR A 126 -4.73 -12.59 4.23
C THR A 126 -5.62 -11.48 3.71
N SER A 127 -6.39 -10.88 4.61
CA SER A 127 -7.15 -9.70 4.27
C SER A 127 -6.21 -8.50 4.21
N MET A 128 -6.08 -7.95 3.00
CA MET A 128 -5.31 -6.72 2.86
C MET A 128 -5.94 -5.60 3.65
N PHE A 129 -7.28 -5.58 3.73
CA PHE A 129 -7.91 -4.55 4.55
C PHE A 129 -7.48 -4.65 6.01
N ASP A 130 -7.45 -5.87 6.55
CA ASP A 130 -7.08 -6.00 7.95
C ASP A 130 -5.65 -5.54 8.18
N CYS A 131 -4.77 -5.77 7.21
CA CYS A 131 -3.41 -5.25 7.28
C CYS A 131 -3.40 -3.73 7.28
N ALA A 132 -4.13 -3.15 6.33
CA ALA A 132 -4.20 -1.70 6.24
C ALA A 132 -4.71 -1.10 7.54
N HIS A 133 -5.79 -1.66 8.08
CA HIS A 133 -6.38 -1.12 9.29
C HIS A 133 -5.46 -1.33 10.49
N SER A 134 -4.85 -2.50 10.61
CA SER A 134 -3.99 -2.73 11.75
C SER A 134 -2.76 -1.83 11.69
N MET A 135 -2.18 -1.64 10.50
CA MET A 135 -1.04 -0.73 10.42
C MET A 135 -1.46 0.71 10.64
N MET A 136 -2.62 1.10 10.09
CA MET A 136 -3.07 2.46 10.30
C MET A 136 -3.31 2.75 11.78
N THR A 137 -3.76 1.76 12.54
CA THR A 137 -3.92 1.97 13.96
C THR A 137 -2.60 2.36 14.60
N CYS A 138 -1.51 1.73 14.17
CA CYS A 138 -0.17 2.07 14.65
C CYS A 138 0.24 3.45 14.18
N VAL A 139 0.03 3.72 12.89
CA VAL A 139 0.42 5.01 12.34
C VAL A 139 -0.32 6.14 13.05
N ILE A 140 -1.63 5.96 13.30
CA ILE A 140 -2.37 6.96 14.03
C ILE A 140 -1.82 7.12 15.45
N LYS A 141 -1.62 5.98 16.12
CA LYS A 141 -1.06 5.99 17.48
C LYS A 141 0.24 6.77 17.55
N TYR A 142 1.11 6.59 16.57
CA TYR A 142 2.46 7.13 16.64
C TYR A 142 2.59 8.52 16.04
N TYR A 143 1.73 8.88 15.07
CA TYR A 143 1.96 10.10 14.31
C TYR A 143 0.84 11.12 14.37
N TYR A 144 -0.38 10.74 14.74
CA TYR A 144 -1.53 11.59 14.50
C TYR A 144 -1.83 12.46 15.71
N HIS A 145 -2.06 13.76 15.44
CA HIS A 145 -2.61 14.66 16.44
C HIS A 145 -1.77 14.69 17.72
N LYS A 146 -0.47 14.94 17.54
CA LYS A 146 0.46 15.04 18.67
C LYS A 146 0.68 16.47 19.13
N GLY A 147 0.41 17.45 18.28
CA GLY A 147 0.48 18.83 18.70
C GLY A 147 -0.89 19.46 18.67
N PRO A 148 -0.95 20.76 18.40
CA PRO A 148 -2.23 21.47 18.40
C PRO A 148 -3.12 21.14 17.23
N ARG A 149 -2.64 20.42 16.22
CA ARG A 149 -3.39 20.20 15.00
C ARG A 149 -3.67 18.73 14.80
N THR A 150 -4.80 18.44 14.17
CA THR A 150 -5.14 17.08 13.80
C THR A 150 -4.41 16.70 12.50
N CYS A 151 -3.08 16.73 12.60
CA CYS A 151 -2.17 16.56 11.49
C CYS A 151 -1.20 15.44 11.84
N TRP A 152 -0.32 15.10 10.92
CA TRP A 152 0.64 14.03 11.09
C TRP A 152 2.01 14.58 11.45
N GLN A 153 2.66 13.93 12.41
CA GLN A 153 4.06 14.19 12.69
C GLN A 153 4.92 13.69 11.54
N THR A 154 6.06 14.36 11.32
CA THR A 154 7.04 13.81 10.38
C THR A 154 7.55 12.46 10.86
N TYR A 155 8.03 12.40 12.10
CA TYR A 155 8.82 11.28 12.56
C TYR A 155 8.17 10.53 13.71
N TYR A 156 8.44 9.23 13.74
CA TYR A 156 8.32 8.43 14.94
C TYR A 156 9.65 7.70 15.10
N PRO A 157 10.29 7.73 16.28
CA PRO A 157 9.91 8.39 17.53
C PRO A 157 9.81 9.90 17.42
N LYS A 158 9.18 10.50 18.44
CA LYS A 158 8.90 11.92 18.47
C LYS A 158 10.16 12.75 18.27
N GLU A 159 10.03 13.78 17.44
CA GLU A 159 11.03 14.82 17.27
C GLU A 159 10.34 16.17 17.34
N GLN A 160 11.12 17.22 17.55
CA GLN A 160 10.56 18.56 17.65
C GLN A 160 10.66 19.31 16.32
N GLY A 161 11.37 20.42 16.30
CA GLY A 161 11.47 21.17 15.07
C GLY A 161 10.24 22.05 14.87
N TYR A 162 10.08 22.50 13.63
CA TYR A 162 9.04 23.47 13.36
C TYR A 162 7.66 22.85 13.53
N TRP A 163 6.71 23.69 13.90
CA TRP A 163 5.30 23.34 13.91
C TRP A 163 5.04 22.08 14.73
N ASP A 164 5.67 22.01 15.89
N ASP A 164 5.67 22.03 15.91
CA ASP A 164 5.43 20.92 16.84
CA ASP A 164 5.47 20.94 16.86
C ASP A 164 5.76 19.55 16.26
C ASP A 164 5.74 19.57 16.24
N GLY A 165 6.69 19.52 15.30
CA GLY A 165 7.04 18.28 14.65
C GLY A 165 6.07 17.84 13.57
N ASP A 166 5.05 18.63 13.25
CA ASP A 166 4.13 18.24 12.20
C ASP A 166 4.82 18.26 10.85
N ALA A 167 4.47 17.29 10.01
CA ALA A 167 5.12 17.17 8.71
C ALA A 167 4.75 18.33 7.81
N VAL A 168 5.66 18.63 6.89
CA VAL A 168 5.36 19.50 5.78
C VAL A 168 4.21 18.90 4.99
N VAL A 169 3.60 19.71 4.12
CA VAL A 169 2.36 19.27 3.49
C VAL A 169 2.57 18.07 2.57
N TRP A 170 3.77 17.85 2.03
CA TRP A 170 4.01 16.61 1.32
C TRP A 170 3.73 15.41 2.22
N GLY A 171 4.29 15.43 3.43
CA GLY A 171 4.04 14.35 4.38
C GLY A 171 2.59 14.29 4.82
N GLN A 172 1.99 15.46 5.08
CA GLN A 172 0.57 15.48 5.41
C GLN A 172 -0.22 14.81 4.30
N GLY A 173 0.16 15.06 3.06
CA GLY A 173 -0.54 14.46 1.93
C GLY A 173 -0.37 12.96 1.87
N GLY A 174 0.79 12.44 2.27
CA GLY A 174 0.92 11.00 2.34
C GLY A 174 0.00 10.40 3.38
N GLY A 175 -0.08 11.05 4.54
CA GLY A 175 -1.05 10.64 5.53
C GLY A 175 -2.47 10.70 5.00
N LEU A 176 -2.81 11.78 4.29
CA LEU A 176 -4.14 11.90 3.72
C LEU A 176 -4.41 10.79 2.72
N SER A 177 -3.44 10.45 1.87
CA SER A 177 -3.67 9.36 0.92
C SER A 177 -4.02 8.08 1.66
N ALA A 178 -3.29 7.80 2.74
CA ALA A 178 -3.58 6.62 3.51
C ALA A 178 -4.97 6.70 4.12
N PHE A 179 -5.31 7.85 4.70
CA PHE A 179 -6.62 7.96 5.32
C PHE A 179 -7.73 7.81 4.29
N VAL A 180 -7.60 8.48 3.16
CA VAL A 180 -8.66 8.42 2.15
C VAL A 180 -8.79 7.01 1.62
N ALA A 181 -7.67 6.32 1.43
CA ALA A 181 -7.74 4.96 0.92
C ALA A 181 -8.43 4.05 1.93
N LEU A 182 -8.15 4.26 3.22
CA LEU A 182 -8.81 3.46 4.24
C LEU A 182 -10.27 3.85 4.38
N ARG A 183 -10.58 5.14 4.24
CA ARG A 183 -11.97 5.54 4.26
C ARG A 183 -12.75 4.81 3.18
N GLU A 184 -12.16 4.69 1.99
CA GLU A 184 -12.82 3.96 0.91
C GLU A 184 -12.84 2.46 1.18
N ALA A 185 -11.69 1.90 1.56
CA ALA A 185 -11.59 0.45 1.74
C ALA A 185 -12.46 -0.02 2.88
N SER A 186 -12.75 0.85 3.86
CA SER A 186 -13.54 0.44 5.02
C SER A 186 -15.04 0.48 4.77
N VAL A 187 -15.47 0.98 3.62
CA VAL A 187 -16.90 1.00 3.31
C VAL A 187 -17.42 -0.43 3.34
N ASP A 188 -18.55 -0.63 4.01
CA ASP A 188 -19.20 -1.93 4.18
C ASP A 188 -18.45 -2.86 5.12
N THR A 189 -17.50 -2.33 5.91
CA THR A 189 -16.81 -3.10 6.92
C THR A 189 -17.14 -2.59 8.31
N GLU A 190 -16.68 -3.34 9.31
CA GLU A 190 -16.80 -3.01 10.72
C GLU A 190 -16.12 -1.70 11.05
N GLN A 191 -15.20 -1.24 10.22
CA GLN A 191 -14.45 -0.03 10.48
C GLN A 191 -14.98 1.18 9.72
N GLU A 192 -16.10 1.03 8.99
CA GLU A 192 -16.61 2.16 8.23
C GLU A 192 -16.87 3.35 9.14
N GLU A 193 -17.55 3.12 10.27
CA GLU A 193 -17.91 4.21 11.16
C GLU A 193 -16.66 4.90 11.71
N TYR A 194 -15.63 4.13 12.03
CA TYR A 194 -14.44 4.72 12.63
C TYR A 194 -13.76 5.67 11.65
N TYR A 195 -13.56 5.24 10.41
CA TYR A 195 -12.90 6.12 9.45
C TYR A 195 -13.78 7.30 9.09
N ARG A 196 -15.10 7.09 8.98
CA ARG A 196 -16.01 8.22 8.80
C ARG A 196 -15.85 9.23 9.93
N SER A 197 -15.75 8.73 11.17
CA SER A 197 -15.59 9.53 12.38
C SER A 197 -14.44 10.52 12.29
N LEU A 198 -13.38 10.11 11.59
CA LEU A 198 -12.15 10.88 11.51
C LEU A 198 -12.18 11.96 10.45
N GLU A 199 -13.17 11.96 9.56
CA GLU A 199 -13.15 12.83 8.39
C GLU A 199 -13.01 14.29 8.76
N ASP A 200 -13.83 14.78 9.69
CA ASP A 200 -13.80 16.21 10.01
C ASP A 200 -12.44 16.65 10.50
N ASP A 201 -11.82 15.85 11.38
CA ASP A 201 -10.51 16.24 11.89
C ASP A 201 -9.42 16.08 10.84
N MET A 202 -9.52 15.04 10.01
CA MET A 202 -8.57 14.89 8.92
C MET A 202 -8.66 16.07 7.97
N PHE A 203 -9.89 16.48 7.62
CA PHE A 203 -10.05 17.62 6.73
C PHE A 203 -9.57 18.91 7.39
N LYS A 204 -9.97 19.15 8.65
CA LYS A 204 -9.53 20.34 9.35
C LYS A 204 -8.01 20.40 9.40
N GLY A 205 -7.37 19.26 9.62
CA GLY A 205 -5.92 19.26 9.74
C GLY A 205 -5.23 19.67 8.46
N ILE A 206 -5.62 19.05 7.33
CA ILE A 206 -4.96 19.40 6.09
C ILE A 206 -5.28 20.84 5.70
N GLN A 207 -6.47 21.33 6.06
CA GLN A 207 -6.83 22.68 5.67
C GLN A 207 -6.03 23.73 6.41
N HIS A 208 -5.36 23.39 7.52
CA HIS A 208 -4.43 24.35 8.10
C HIS A 208 -3.37 24.77 7.10
N PHE A 209 -3.06 23.90 6.14
CA PHE A 209 -2.03 24.19 5.15
C PHE A 209 -2.58 24.90 3.92
N TRP A 210 -3.89 25.09 3.86
CA TRP A 210 -4.54 25.83 2.78
C TRP A 210 -4.39 27.32 3.09
N VAL A 211 -3.40 27.94 2.45
CA VAL A 211 -2.81 29.20 2.87
C VAL A 211 -3.01 30.23 1.78
N THR A 212 -3.53 31.40 2.13
CA THR A 212 -3.58 32.53 1.21
C THR A 212 -2.27 33.28 1.32
N ASP A 213 -1.56 33.39 0.21
CA ASP A 213 -0.25 34.03 0.20
C ASP A 213 -0.07 34.66 -1.17
N HIS A 214 0.20 35.97 -1.18
CA HIS A 214 0.41 36.71 -2.42
C HIS A 214 -0.76 36.54 -3.39
N GLY A 215 -1.97 36.65 -2.85
CA GLY A 215 -3.16 36.61 -3.66
C GLY A 215 -3.51 35.27 -4.26
N ARG A 216 -2.92 34.19 -3.76
CA ARG A 216 -3.24 32.85 -4.24
C ARG A 216 -3.39 31.94 -3.03
N THR A 217 -4.44 31.14 -3.04
CA THR A 217 -4.69 30.21 -1.96
C THR A 217 -4.41 28.79 -2.44
N ALA A 218 -3.45 28.15 -1.79
CA ALA A 218 -3.06 26.80 -2.16
C ALA A 218 -2.37 26.21 -0.94
N TYR A 219 -1.99 24.94 -1.03
CA TYR A 219 -1.38 24.25 0.11
C TYR A 219 0.10 24.62 0.18
N SER A 220 0.48 25.35 1.24
CA SER A 220 1.86 25.70 1.49
C SER A 220 2.56 24.58 2.24
N VAL A 221 3.89 24.64 2.29
CA VAL A 221 4.63 23.55 2.92
C VAL A 221 4.31 23.47 4.40
N TYR A 222 4.06 24.60 5.03
CA TYR A 222 3.71 24.66 6.44
C TYR A 222 2.50 25.56 6.58
N PRO A 223 1.78 25.49 7.71
CA PRO A 223 0.45 26.10 7.79
C PRO A 223 0.46 27.58 8.14
N ASP A 224 1.16 28.36 7.32
CA ASP A 224 1.13 29.81 7.50
C ASP A 224 1.65 30.46 6.23
N SER A 225 1.23 31.70 6.00
CA SER A 225 1.81 32.45 4.89
C SER A 225 3.30 32.68 5.14
N GLY A 226 4.02 33.01 4.08
CA GLY A 226 5.45 33.19 4.15
C GLY A 226 6.25 31.93 3.91
N ASN A 227 5.59 30.79 3.78
CA ASN A 227 6.29 29.53 3.57
C ASN A 227 6.44 29.24 2.09
N ASP A 228 7.37 28.35 1.78
CA ASP A 228 7.48 27.85 0.42
C ASP A 228 6.19 27.14 0.02
N ARG A 229 6.01 26.98 -1.29
CA ARG A 229 4.81 26.33 -1.80
C ARG A 229 5.16 25.70 -3.13
N PHE A 230 4.73 24.46 -3.32
CA PHE A 230 5.08 23.68 -4.50
C PHE A 230 3.82 23.19 -5.21
N TYR A 231 3.90 23.16 -6.54
CA TYR A 231 2.76 22.70 -7.32
C TYR A 231 2.51 21.21 -7.12
N ASP A 232 3.58 20.40 -7.04
CA ASP A 232 3.36 18.96 -6.81
C ASP A 232 2.76 18.68 -5.45
N ASP A 233 3.23 19.36 -4.40
CA ASP A 233 2.60 19.24 -3.09
C ASP A 233 1.10 19.38 -3.21
N ASN A 234 0.66 20.34 -4.03
CA ASN A 234 -0.76 20.61 -4.16
C ASN A 234 -1.49 19.51 -4.91
N VAL A 235 -0.90 19.00 -6.00
CA VAL A 235 -1.62 18.02 -6.81
C VAL A 235 -1.91 16.75 -6.02
N TRP A 236 -0.98 16.32 -5.15
CA TRP A 236 -1.25 15.11 -4.37
C TRP A 236 -2.48 15.30 -3.50
N ILE A 237 -2.57 16.46 -2.84
CA ILE A 237 -3.76 16.74 -2.04
C ILE A 237 -4.99 16.78 -2.91
N GLY A 238 -4.89 17.45 -4.07
CA GLY A 238 -6.04 17.52 -4.96
C GLY A 238 -6.51 16.15 -5.39
N LEU A 239 -5.57 15.26 -5.71
CA LEU A 239 -5.93 13.90 -6.10
C LEU A 239 -6.70 13.20 -5.01
N ASP A 240 -6.22 13.29 -3.78
CA ASP A 240 -6.91 12.59 -2.72
C ASP A 240 -8.22 13.26 -2.35
N MET A 241 -8.33 14.58 -2.53
CA MET A 241 -9.62 15.24 -2.34
C MET A 241 -10.64 14.73 -3.36
N ALA A 242 -10.20 14.54 -4.60
CA ALA A 242 -11.09 13.99 -5.62
C ALA A 242 -11.52 12.57 -5.26
N LYS A 243 -10.58 11.75 -4.78
CA LYS A 243 -10.90 10.38 -4.37
C LYS A 243 -11.85 10.40 -3.17
N TRP A 244 -11.58 11.27 -2.20
CA TRP A 244 -12.42 11.38 -1.02
C TRP A 244 -13.84 11.81 -1.40
N TYR A 245 -13.95 12.77 -2.31
CA TYR A 245 -15.27 13.21 -2.77
C TYR A 245 -16.07 12.04 -3.33
N ALA A 246 -15.42 11.17 -4.10
CA ALA A 246 -16.17 10.06 -4.70
C ALA A 246 -16.73 9.12 -3.65
N ILE A 247 -16.14 9.07 -2.47
CA ILE A 247 -16.62 8.18 -1.42
C ILE A 247 -17.82 8.79 -0.73
N SER A 248 -17.68 10.03 -0.25
N SER A 248 -17.68 10.02 -0.26
CA SER A 248 -18.64 10.65 0.65
CA SER A 248 -18.62 10.67 0.63
C SER A 248 -19.54 11.67 -0.02
C SER A 248 -19.64 11.53 -0.10
N LYS A 249 -19.27 12.04 -1.27
CA LYS A 249 -20.06 13.03 -2.01
C LYS A 249 -20.22 14.35 -1.26
N ASP A 250 -19.27 14.69 -0.40
CA ASP A 250 -19.25 15.97 0.30
C ASP A 250 -18.48 16.95 -0.56
N VAL A 251 -19.17 17.98 -1.05
CA VAL A 251 -18.56 18.87 -2.02
C VAL A 251 -17.37 19.65 -1.49
N ARG A 252 -17.17 19.71 -0.17
CA ARG A 252 -15.97 20.39 0.30
C ARG A 252 -14.71 19.72 -0.22
N TYR A 253 -14.75 18.40 -0.40
CA TYR A 253 -13.60 17.70 -0.97
C TYR A 253 -13.49 18.00 -2.46
N LEU A 254 -14.61 17.95 -3.18
CA LEU A 254 -14.58 18.28 -4.60
C LEU A 254 -14.05 19.70 -4.81
N ASN A 255 -14.46 20.63 -3.96
CA ASN A 255 -14.03 22.01 -4.11
C ASN A 255 -12.54 22.17 -3.88
N GLN A 256 -11.96 21.37 -2.99
CA GLN A 256 -10.50 21.41 -2.84
C GLN A 256 -9.81 20.84 -4.07
N ALA A 257 -10.34 19.73 -4.60
CA ALA A 257 -9.76 19.18 -5.83
C ALA A 257 -9.85 20.18 -6.97
N LYS A 258 -11.01 20.83 -7.11
CA LYS A 258 -11.18 21.83 -8.17
C LYS A 258 -10.26 23.03 -7.93
N ALA A 259 -10.17 23.49 -6.69
CA ALA A 259 -9.32 24.65 -6.43
C ALA A 259 -7.85 24.33 -6.70
N VAL A 260 -7.42 23.13 -6.34
CA VAL A 260 -6.06 22.72 -6.69
C VAL A 260 -5.87 22.69 -8.20
N TRP A 261 -6.84 22.13 -8.93
CA TRP A 261 -6.72 22.08 -10.38
C TRP A 261 -6.66 23.48 -10.97
N ASP A 262 -7.50 24.39 -10.45
CA ASP A 262 -7.49 25.76 -10.96
C ASP A 262 -6.13 26.41 -10.75
N TYR A 263 -5.54 26.16 -9.59
CA TYR A 263 -4.21 26.69 -9.27
C TYR A 263 -3.15 26.10 -10.18
N LEU A 264 -3.21 24.78 -10.40
CA LEU A 264 -2.26 24.16 -11.33
C LEU A 264 -2.42 24.71 -12.73
N SER A 265 -3.66 24.99 -13.13
CA SER A 265 -3.90 25.47 -14.49
C SER A 265 -3.51 26.94 -14.63
N GLN A 266 -3.92 27.77 -13.68
CA GLN A 266 -3.72 29.20 -13.81
C GLN A 266 -2.28 29.60 -13.56
N TYR A 267 -1.63 28.95 -12.60
CA TYR A 267 -0.28 29.33 -12.20
C TYR A 267 0.76 28.28 -12.52
N GLY A 268 0.41 26.99 -12.45
CA GLY A 268 1.41 25.95 -12.63
C GLY A 268 1.81 25.71 -14.07
N TRP A 269 0.89 25.93 -15.01
CA TRP A 269 1.12 25.54 -16.39
C TRP A 269 1.45 26.74 -17.24
N ASP A 270 2.47 26.62 -18.07
CA ASP A 270 2.66 27.55 -19.18
C ASP A 270 3.39 26.80 -20.28
N ASN A 271 3.62 27.46 -21.41
CA ASN A 271 4.23 26.79 -22.53
C ASN A 271 5.76 26.93 -22.59
N THR A 272 6.39 27.40 -21.50
CA THR A 272 7.84 27.26 -21.45
C THR A 272 8.19 25.78 -21.39
N CYS A 273 9.32 25.44 -22.00
CA CYS A 273 9.70 24.04 -22.22
C CYS A 273 8.62 23.25 -22.96
N GLY A 274 7.83 23.95 -23.77
CA GLY A 274 6.79 23.33 -24.56
C GLY A 274 5.50 23.05 -23.82
N GLY A 275 5.45 23.30 -22.52
CA GLY A 275 4.31 22.92 -21.70
C GLY A 275 4.80 22.38 -20.38
N GLY A 276 3.90 21.66 -19.69
CA GLY A 276 4.25 21.09 -18.42
C GLY A 276 4.01 22.05 -17.26
N VAL A 277 3.97 21.47 -16.06
CA VAL A 277 3.69 22.17 -14.82
C VAL A 277 4.98 22.49 -14.10
N HIS A 278 5.04 23.67 -13.51
CA HIS A 278 6.14 24.15 -12.70
C HIS A 278 6.25 23.34 -11.42
N TRP A 279 7.28 23.68 -10.63
CA TRP A 279 7.59 22.95 -9.40
C TRP A 279 7.42 23.84 -8.19
N LYS A 280 8.28 24.83 -7.98
CA LYS A 280 8.27 25.65 -6.78
C LYS A 280 7.65 27.00 -7.10
N GLU A 281 6.55 27.34 -6.43
CA GLU A 281 5.90 28.62 -6.65
C GLU A 281 6.46 29.69 -5.72
N LEU A 282 6.63 29.36 -4.45
CA LEU A 282 7.11 30.28 -3.43
C LEU A 282 8.18 29.55 -2.63
N ASN A 283 9.09 30.30 -2.03
CA ASN A 283 9.14 31.75 -2.12
C ASN A 283 9.92 32.22 -3.35
N GLU A 284 10.96 31.50 -3.71
CA GLU A 284 11.71 31.83 -4.91
C GLU A 284 11.29 30.86 -6.01
N PRO A 285 10.55 31.30 -7.01
CA PRO A 285 9.97 30.35 -7.97
C PRO A 285 11.05 29.69 -8.82
N SER A 286 10.82 28.44 -9.14
CA SER A 286 11.56 27.61 -10.08
C SER A 286 11.11 27.93 -11.50
N LYS A 287 11.90 27.49 -12.48
CA LYS A 287 11.51 27.60 -13.88
C LYS A 287 11.41 26.25 -14.58
N SER A 288 11.72 25.15 -13.88
CA SER A 288 11.78 23.83 -14.46
C SER A 288 10.38 23.23 -14.57
N LYS A 289 10.20 22.31 -15.51
CA LYS A 289 8.94 21.62 -15.69
C LYS A 289 9.13 20.15 -15.30
N HIS A 290 8.23 19.64 -14.47
CA HIS A 290 8.49 18.39 -13.76
C HIS A 290 7.45 17.34 -14.07
N THR A 291 7.90 16.10 -14.26
CA THR A 291 6.97 14.99 -14.36
C THR A 291 6.13 14.88 -13.10
N CYS A 292 6.74 15.12 -11.93
CA CYS A 292 6.02 14.88 -10.70
C CYS A 292 4.96 15.93 -10.40
N SER A 293 4.94 17.04 -11.11
CA SER A 293 3.74 17.86 -11.02
C SER A 293 2.87 17.71 -12.25
N THR A 294 3.42 17.39 -13.42
CA THR A 294 2.62 17.34 -14.64
C THR A 294 1.81 16.05 -14.75
N ALA A 295 2.45 14.91 -14.51
CA ALA A 295 1.73 13.65 -14.65
C ALA A 295 0.56 13.55 -13.69
N PRO A 296 0.72 13.79 -12.39
CA PRO A 296 -0.46 13.77 -11.52
C PRO A 296 -1.43 14.88 -11.82
N THR A 297 -1.00 16.00 -12.38
CA THR A 297 -1.99 16.99 -12.83
C THR A 297 -2.87 16.41 -13.91
N GLY A 298 -2.27 15.65 -14.83
CA GLY A 298 -3.08 14.94 -15.80
C GLY A 298 -4.03 13.95 -15.17
N VAL A 299 -3.55 13.19 -14.18
CA VAL A 299 -4.42 12.25 -13.50
C VAL A 299 -5.58 12.97 -12.83
N LEU A 300 -5.28 14.04 -12.08
CA LEU A 300 -6.33 14.81 -11.41
C LEU A 300 -7.32 15.35 -12.41
N SER A 301 -6.81 15.81 -13.55
CA SER A 301 -7.70 16.32 -14.58
C SER A 301 -8.64 15.22 -15.04
N CYS A 302 -8.14 14.00 -15.24
CA CYS A 302 -8.97 12.86 -15.60
C CYS A 302 -10.05 12.63 -14.56
N LYS A 303 -9.64 12.59 -13.29
CA LYS A 303 -10.61 12.30 -12.24
C LYS A 303 -11.69 13.36 -12.20
N LEU A 304 -11.30 14.63 -12.34
CA LEU A 304 -12.30 15.69 -12.33
C LEU A 304 -13.19 15.62 -13.55
N TYR A 305 -12.64 15.22 -14.71
CA TYR A 305 -13.50 15.01 -15.86
C TYR A 305 -14.52 13.91 -15.59
N GLN A 306 -14.07 12.80 -15.00
CA GLN A 306 -15.00 11.70 -14.73
C GLN A 306 -16.08 12.12 -13.76
N LEU A 307 -15.76 13.00 -12.81
CA LEU A 307 -16.74 13.43 -11.82
C LEU A 307 -17.72 14.44 -12.39
N THR A 308 -17.27 15.32 -13.29
CA THR A 308 -18.05 16.48 -13.69
C THR A 308 -18.44 16.52 -15.15
N HIS A 309 -17.75 15.77 -16.01
CA HIS A 309 -17.94 15.79 -17.46
C HIS A 309 -17.57 17.12 -18.09
N GLU A 310 -16.91 18.00 -17.36
CA GLU A 310 -16.54 19.30 -17.92
C GLU A 310 -15.28 19.16 -18.78
N GLN A 311 -15.41 19.56 -20.04
CA GLN A 311 -14.37 19.35 -21.04
C GLN A 311 -13.02 19.95 -20.64
N LYS A 312 -13.01 21.07 -19.92
CA LYS A 312 -11.74 21.71 -19.60
C LYS A 312 -10.80 20.75 -18.89
N TYR A 313 -11.36 19.83 -18.10
CA TYR A 313 -10.52 18.88 -17.39
C TYR A 313 -9.88 17.90 -18.36
N LEU A 314 -10.65 17.39 -19.31
CA LEU A 314 -10.10 16.46 -20.29
C LEU A 314 -9.07 17.14 -21.17
N ASP A 315 -9.32 18.39 -21.57
CA ASP A 315 -8.34 19.12 -22.36
C ASP A 315 -7.00 19.18 -21.64
N LYS A 316 -7.03 19.49 -20.35
CA LYS A 316 -5.79 19.58 -19.60
C LYS A 316 -5.12 18.22 -19.48
N ALA A 317 -5.91 17.17 -19.25
CA ALA A 317 -5.32 15.83 -19.17
C ALA A 317 -4.57 15.49 -20.44
N ILE A 318 -5.18 15.79 -21.59
CA ILE A 318 -4.54 15.48 -22.86
C ILE A 318 -3.29 16.32 -23.07
N GLU A 319 -3.34 17.60 -22.71
CA GLU A 319 -2.17 18.46 -22.82
C GLU A 319 -1.03 17.91 -21.96
N CYS A 320 -1.37 17.44 -20.75
CA CYS A 320 -0.35 16.93 -19.84
C CYS A 320 0.30 15.69 -20.44
N PHE A 321 -0.53 14.77 -20.91
CA PHE A 321 -0.03 13.54 -21.50
C PHE A 321 0.82 13.84 -22.72
N ASN A 322 0.32 14.69 -23.61
CA ASN A 322 1.07 14.96 -24.83
C ASN A 322 2.42 15.57 -24.53
N TRP A 323 2.49 16.48 -23.55
CA TRP A 323 3.76 17.07 -23.19
C TRP A 323 4.71 16.01 -22.62
N LEU A 324 4.21 15.18 -21.72
CA LEU A 324 5.04 14.12 -21.16
C LEU A 324 5.62 13.23 -22.27
N GLN A 325 4.78 12.86 -23.24
CA GLN A 325 5.25 11.98 -24.30
C GLN A 325 6.29 12.68 -25.15
N ALA A 326 6.08 13.96 -25.44
CA ALA A 326 6.96 14.67 -26.36
C ALA A 326 8.30 15.01 -25.74
N TYR A 327 8.36 15.27 -24.43
CA TYR A 327 9.56 15.81 -23.83
C TYR A 327 10.16 14.96 -22.73
N MET A 328 9.36 14.19 -22.00
CA MET A 328 9.84 13.59 -20.76
C MET A 328 10.00 12.08 -20.80
N GLN A 329 9.53 11.41 -21.86
CA GLN A 329 9.67 9.96 -21.92
C GLN A 329 10.92 9.59 -22.70
N ASP A 330 11.76 8.77 -22.08
CA ASP A 330 12.91 8.23 -22.77
C ASP A 330 12.45 7.17 -23.75
N PRO A 331 12.68 7.33 -25.06
CA PRO A 331 12.21 6.32 -26.01
C PRO A 331 12.91 5.00 -25.87
N SER A 332 14.06 4.96 -25.20
CA SER A 332 14.83 3.72 -25.14
C SER A 332 14.24 2.73 -24.14
N ASP A 333 13.63 3.21 -23.06
CA ASP A 333 13.09 2.32 -22.06
C ASP A 333 11.66 2.64 -21.63
N HIS A 334 11.04 3.68 -22.19
CA HIS A 334 9.66 4.07 -21.91
C HIS A 334 9.47 4.69 -20.53
N LEU A 335 10.55 4.99 -19.83
CA LEU A 335 10.48 5.59 -18.51
C LEU A 335 10.70 7.09 -18.61
N TYR A 336 10.29 7.81 -17.56
CA TYR A 336 10.18 9.25 -17.65
C TYR A 336 11.26 9.96 -16.84
N TYR A 337 11.85 10.99 -17.46
CA TYR A 337 12.82 11.84 -16.81
C TYR A 337 12.17 12.64 -15.69
N ASP A 338 13.04 13.31 -14.93
N ASP A 338 13.01 13.34 -14.93
CA ASP A 338 12.63 14.06 -13.74
CA ASP A 338 12.52 14.05 -13.75
C ASP A 338 12.04 15.41 -14.15
C ASP A 338 12.02 15.46 -14.07
N ASN A 339 12.88 16.30 -14.66
CA ASN A 339 12.44 17.66 -14.95
C ASN A 339 13.32 18.24 -16.04
N VAL A 340 12.76 19.19 -16.76
CA VAL A 340 13.45 19.88 -17.84
C VAL A 340 13.43 21.37 -17.55
N SER A 341 14.53 22.01 -17.79
CA SER A 341 14.61 23.45 -17.60
C SER A 341 14.60 24.15 -18.95
N PRO A 342 14.15 25.40 -19.00
CA PRO A 342 14.02 26.07 -20.29
C PRO A 342 15.38 26.37 -20.91
N ASP A 343 15.41 26.31 -22.24
CA ASP A 343 16.59 26.80 -22.94
C ASP A 343 16.70 28.28 -22.63
N PRO A 344 17.85 28.75 -22.15
CA PRO A 344 17.95 30.19 -21.79
C PRO A 344 17.70 31.12 -22.95
N GLU A 345 18.07 30.73 -24.17
CA GLU A 345 17.93 31.61 -25.32
C GLU A 345 16.53 31.60 -25.91
N ASP A 346 15.73 30.60 -25.60
CA ASP A 346 14.33 30.57 -26.00
C ASP A 346 13.57 29.66 -25.04
N PRO A 347 13.01 30.22 -23.96
CA PRO A 347 12.40 29.37 -22.92
C PRO A 347 11.21 28.55 -23.39
N THR A 348 10.66 28.77 -24.59
CA THR A 348 9.65 27.84 -25.06
C THR A 348 10.25 26.50 -25.43
N GLN A 349 11.56 26.42 -25.57
CA GLN A 349 12.25 25.21 -25.95
C GLN A 349 12.85 24.53 -24.73
N PRO A 350 12.89 23.20 -24.74
CA PRO A 350 13.52 22.48 -23.62
C PRO A 350 15.02 22.72 -23.61
N GLY A 351 15.58 22.73 -22.41
CA GLY A 351 17.00 22.89 -22.23
C GLY A 351 17.58 21.74 -21.43
N ARG A 352 18.13 22.05 -20.26
CA ARG A 352 18.81 21.02 -19.49
C ARG A 352 17.79 20.05 -18.88
N MET A 353 18.08 18.77 -19.07
CA MET A 353 17.23 17.70 -18.61
C MET A 353 17.86 17.04 -17.40
N GLU A 354 17.08 16.85 -16.35
CA GLU A 354 17.45 15.98 -15.24
C GLU A 354 16.83 14.62 -15.54
N THR A 355 17.68 13.65 -15.87
CA THR A 355 17.28 12.37 -16.44
C THR A 355 16.98 11.30 -15.40
N ASN A 356 17.20 11.56 -14.12
CA ASN A 356 16.98 10.52 -13.13
C ASN A 356 15.54 10.03 -13.21
N LYS A 357 15.39 8.72 -13.16
CA LYS A 357 14.10 8.06 -13.31
C LYS A 357 13.64 7.55 -11.96
N TYR A 358 12.53 8.09 -11.48
CA TYR A 358 11.92 7.69 -10.24
C TYR A 358 10.61 6.98 -10.53
N SER A 359 10.30 5.99 -9.71
CA SER A 359 9.18 5.08 -9.97
C SER A 359 7.88 5.84 -10.21
N TYR A 360 7.54 6.75 -9.31
CA TYR A 360 6.28 7.48 -9.39
C TYR A 360 6.19 8.34 -10.64
N ASN A 361 7.33 8.73 -11.21
CA ASN A 361 7.32 9.54 -12.42
C ASN A 361 7.07 8.72 -13.67
N SER A 362 7.10 7.39 -13.58
CA SER A 362 6.57 6.59 -14.67
C SER A 362 5.24 5.96 -14.33
N GLY A 363 4.95 5.72 -13.04
CA GLY A 363 3.65 5.17 -12.68
C GLY A 363 2.52 6.17 -12.81
N GLN A 364 2.79 7.46 -12.59
CA GLN A 364 1.76 8.46 -12.83
C GLN A 364 1.43 8.62 -14.32
N PRO A 365 2.44 8.71 -15.22
CA PRO A 365 2.10 8.63 -16.65
C PRO A 365 1.33 7.37 -17.00
N LEU A 366 1.65 6.23 -16.37
CA LEU A 366 0.87 5.02 -16.59
C LEU A 366 -0.58 5.23 -16.18
N GLN A 367 -0.81 5.78 -14.99
CA GLN A 367 -2.18 6.00 -14.54
C GLN A 367 -2.90 6.95 -15.48
N LEU A 368 -2.20 7.99 -15.92
CA LEU A 368 -2.77 8.97 -16.84
C LEU A 368 -3.15 8.33 -18.16
N ALA A 369 -2.24 7.53 -18.74
CA ALA A 369 -2.54 6.85 -19.99
C ALA A 369 -3.75 5.93 -19.83
N CYS A 370 -3.85 5.24 -18.69
CA CYS A 370 -4.97 4.34 -18.48
C CYS A 370 -6.27 5.11 -18.38
N LEU A 371 -6.27 6.23 -17.64
CA LEU A 371 -7.48 7.03 -17.53
C LEU A 371 -7.88 7.60 -18.88
N LEU A 372 -6.91 8.07 -19.66
CA LEU A 372 -7.24 8.61 -20.97
C LEU A 372 -7.79 7.53 -21.88
N TYR A 373 -7.28 6.30 -21.77
CA TYR A 373 -7.87 5.21 -22.53
C TYR A 373 -9.33 5.00 -22.12
N LYS A 374 -9.58 4.94 -20.82
CA LYS A 374 -10.94 4.69 -20.36
C LYS A 374 -11.88 5.82 -20.78
N ILE A 375 -11.40 7.06 -20.75
CA ILE A 375 -12.25 8.20 -21.13
C ILE A 375 -12.48 8.23 -22.64
N THR A 376 -11.41 8.13 -23.42
CA THR A 376 -11.47 8.39 -24.86
C THR A 376 -11.65 7.12 -25.70
N LYS A 377 -11.30 5.96 -25.16
CA LYS A 377 -11.26 4.70 -25.91
C LYS A 377 -10.23 4.69 -27.02
N ASN A 378 -9.33 5.67 -27.06
CA ASN A 378 -8.27 5.68 -28.06
C ASN A 378 -7.24 4.63 -27.69
N GLU A 379 -7.14 3.58 -28.50
CA GLU A 379 -6.27 2.45 -28.17
C GLU A 379 -4.80 2.84 -28.04
N SER A 380 -4.39 3.96 -28.63
N SER A 380 -4.38 3.95 -28.64
CA SER A 380 -3.01 4.40 -28.50
CA SER A 380 -2.98 4.37 -28.49
C SER A 380 -2.62 4.64 -27.05
C SER A 380 -2.63 4.63 -27.03
N TYR A 381 -3.58 5.10 -26.23
CA TYR A 381 -3.28 5.31 -24.82
C TYR A 381 -3.02 3.99 -24.11
N LEU A 382 -3.76 2.94 -24.48
CA LEU A 382 -3.55 1.64 -23.84
C LEU A 382 -2.24 1.02 -24.30
N THR A 383 -1.90 1.18 -25.58
CA THR A 383 -0.61 0.70 -26.06
C THR A 383 0.53 1.34 -25.27
N VAL A 384 0.45 2.65 -25.06
CA VAL A 384 1.44 3.37 -24.24
C VAL A 384 1.43 2.83 -22.81
N ALA A 385 0.23 2.67 -22.24
CA ALA A 385 0.12 2.19 -20.86
C ALA A 385 0.84 0.86 -20.69
N HIS A 386 0.60 -0.09 -21.58
CA HIS A 386 1.26 -1.40 -21.45
C HIS A 386 2.77 -1.28 -21.53
N GLN A 387 3.28 -0.42 -22.40
CA GLN A 387 4.72 -0.21 -22.48
C GLN A 387 5.27 0.33 -21.17
N ILE A 388 4.58 1.32 -20.59
CA ILE A 388 5.05 1.90 -19.35
C ILE A 388 5.00 0.87 -18.23
N ALA A 389 3.91 0.11 -18.16
CA ALA A 389 3.74 -0.87 -17.10
C ALA A 389 4.84 -1.91 -17.14
N GLU A 390 5.15 -2.41 -18.34
CA GLU A 390 6.24 -3.39 -18.48
C GLU A 390 7.56 -2.80 -18.05
N ALA A 391 7.81 -1.55 -18.44
CA ALA A 391 9.07 -0.90 -18.09
C ALA A 391 9.18 -0.66 -16.58
N CYS A 392 8.07 -0.26 -15.96
CA CYS A 392 8.09 -0.04 -14.52
C CYS A 392 8.34 -1.35 -13.80
N HIS A 393 7.71 -2.43 -14.26
CA HIS A 393 7.89 -3.72 -13.61
C HIS A 393 9.33 -4.19 -13.73
N LYS A 394 9.93 -4.00 -14.90
CA LYS A 394 11.32 -4.39 -15.09
C LYS A 394 12.25 -3.59 -14.19
N LYS A 395 11.97 -2.29 -14.04
CA LYS A 395 12.92 -1.42 -13.38
C LYS A 395 12.84 -1.52 -11.86
N TRP A 396 11.63 -1.55 -11.30
CA TRP A 396 11.46 -1.33 -9.87
C TRP A 396 11.06 -2.58 -9.10
N PHE A 397 10.93 -3.72 -9.77
CA PHE A 397 10.71 -5.00 -9.11
C PHE A 397 11.88 -5.92 -9.44
N THR A 398 12.13 -6.88 -8.57
CA THR A 398 13.25 -7.78 -8.79
C THR A 398 12.91 -9.14 -8.22
N SER A 399 13.41 -10.18 -8.90
CA SER A 399 13.07 -11.54 -8.51
C SER A 399 13.55 -11.85 -7.10
N TYR A 400 12.68 -12.49 -6.33
CA TYR A 400 12.90 -12.62 -4.90
C TYR A 400 12.31 -13.94 -4.42
N HIS A 401 12.99 -14.57 -3.47
CA HIS A 401 12.45 -15.72 -2.76
C HIS A 401 12.11 -15.30 -1.34
N SER A 402 10.84 -15.41 -0.97
CA SER A 402 10.41 -15.12 0.39
C SER A 402 10.47 -16.41 1.20
N GLU A 403 11.36 -16.43 2.19
CA GLU A 403 11.42 -17.60 3.05
C GLU A 403 10.15 -17.74 3.87
N VAL A 404 9.62 -16.64 4.40
CA VAL A 404 8.42 -16.77 5.22
C VAL A 404 7.22 -17.23 4.40
N LEU A 405 7.05 -16.67 3.20
CA LEU A 405 5.91 -17.06 2.38
C LEU A 405 6.16 -18.36 1.64
N GLN A 406 7.41 -18.81 1.59
CA GLN A 406 7.81 -20.01 0.84
C GLN A 406 7.46 -19.90 -0.64
N ARG A 407 7.51 -18.67 -1.16
CA ARG A 407 7.07 -18.37 -2.51
C ARG A 407 8.05 -17.42 -3.16
N ASP A 408 8.08 -17.47 -4.49
CA ASP A 408 8.89 -16.58 -5.29
C ASP A 408 7.99 -15.59 -6.01
N PHE A 409 8.48 -14.37 -6.15
CA PHE A 409 7.75 -13.32 -6.86
C PHE A 409 8.76 -12.21 -7.12
N ASN A 410 8.31 -11.16 -7.80
CA ASN A 410 9.15 -10.00 -8.01
C ASN A 410 8.79 -8.96 -6.95
N ILE A 411 9.70 -8.75 -6.03
CA ILE A 411 9.46 -7.83 -4.93
C ILE A 411 9.76 -6.41 -5.39
N LEU A 412 9.07 -5.44 -4.82
CA LEU A 412 9.48 -4.06 -4.99
C LEU A 412 10.89 -3.89 -4.46
N ALA A 413 11.81 -3.46 -5.33
CA ALA A 413 13.19 -3.29 -4.95
C ALA A 413 13.30 -2.18 -3.90
N PRO A 414 14.39 -2.16 -3.14
CA PRO A 414 14.56 -1.11 -2.13
C PRO A 414 14.41 0.26 -2.77
N GLY A 415 13.68 1.12 -2.10
CA GLY A 415 13.47 2.45 -2.65
C GLY A 415 12.45 3.19 -1.82
N HIS A 416 12.15 4.39 -2.29
CA HIS A 416 11.21 5.28 -1.62
C HIS A 416 9.81 4.68 -1.66
N ALA A 417 9.26 4.36 -0.49
CA ALA A 417 7.99 3.65 -0.44
C ALA A 417 6.86 4.49 -0.99
N TRP A 418 6.91 5.81 -0.81
CA TRP A 418 5.83 6.63 -1.32
C TRP A 418 5.92 6.77 -2.83
N PHE A 419 7.13 6.97 -3.36
CA PHE A 419 7.27 6.92 -4.81
C PHE A 419 6.67 5.62 -5.34
N ASN A 420 6.96 4.50 -4.68
CA ASN A 420 6.52 3.22 -5.20
C ASN A 420 5.02 3.02 -5.08
N THR A 421 4.42 3.48 -3.98
CA THR A 421 2.97 3.39 -3.89
C THR A 421 2.30 4.26 -4.95
N VAL A 422 2.82 5.46 -5.15
CA VAL A 422 2.27 6.32 -6.20
C VAL A 422 2.43 5.65 -7.56
N MET A 423 3.56 4.99 -7.79
CA MET A 423 3.69 4.21 -9.02
C MET A 423 2.61 3.15 -9.12
N CYS A 424 2.37 2.43 -8.02
CA CYS A 424 1.44 1.31 -8.05
C CYS A 424 0.03 1.76 -8.40
N ARG A 425 -0.33 3.01 -8.09
CA ARG A 425 -1.64 3.50 -8.51
C ARG A 425 -1.86 3.28 -9.99
N GLY A 426 -0.79 3.43 -10.78
CA GLY A 426 -0.92 3.17 -12.22
C GLY A 426 -1.19 1.72 -12.53
N PHE A 427 -0.66 0.80 -11.73
CA PHE A 427 -0.93 -0.61 -11.98
C PHE A 427 -2.36 -0.96 -11.61
N PHE A 428 -2.91 -0.37 -10.54
CA PHE A 428 -4.32 -0.58 -10.27
C PHE A 428 -5.17 -0.04 -11.40
N GLU A 429 -4.77 1.10 -11.96
CA GLU A 429 -5.54 1.69 -13.05
C GLU A 429 -5.51 0.79 -14.27
N LEU A 430 -4.36 0.21 -14.58
CA LEU A 430 -4.24 -0.67 -15.74
C LEU A 430 -5.06 -1.94 -15.55
N TYR A 431 -5.04 -2.52 -14.35
CA TYR A 431 -5.85 -3.70 -14.09
C TYR A 431 -7.32 -3.44 -14.38
N SER A 432 -7.81 -2.24 -14.03
CA SER A 432 -9.19 -1.85 -14.29
C SER A 432 -9.57 -2.02 -15.74
N ILE A 433 -8.57 -1.98 -16.63
CA ILE A 433 -8.80 -2.08 -18.07
C ILE A 433 -8.71 -3.53 -18.50
N ASP A 434 -7.56 -4.17 -18.26
CA ASP A 434 -7.29 -5.46 -18.89
C ASP A 434 -7.47 -6.65 -17.97
N LYS A 435 -7.71 -6.43 -16.67
CA LYS A 435 -7.95 -7.47 -15.68
C LYS A 435 -6.82 -8.50 -15.61
N ASN A 436 -5.61 -8.10 -16.00
CA ASN A 436 -4.45 -8.97 -15.88
C ASN A 436 -3.83 -8.73 -14.52
N PRO A 437 -3.84 -9.71 -13.61
CA PRO A 437 -3.35 -9.49 -12.25
C PRO A 437 -1.85 -9.68 -12.06
N SER A 438 -1.08 -9.93 -13.12
N SER A 438 -1.08 -9.92 -13.11
CA SER A 438 0.31 -10.35 -12.95
CA SER A 438 0.31 -10.35 -12.95
C SER A 438 1.12 -9.32 -12.16
C SER A 438 1.14 -9.33 -12.17
N TYR A 439 1.05 -8.04 -12.54
CA TYR A 439 1.84 -7.03 -11.84
C TYR A 439 1.35 -6.87 -10.41
N LEU A 440 0.05 -6.81 -10.22
CA LEU A 440 -0.49 -6.57 -8.90
C LEU A 440 -0.29 -7.75 -7.97
N GLU A 441 -0.14 -8.96 -8.52
CA GLU A 441 0.21 -10.09 -7.67
C GLU A 441 1.60 -9.92 -7.09
N ASP A 442 2.53 -9.37 -7.88
CA ASP A 442 3.85 -9.06 -7.33
C ASP A 442 3.75 -7.98 -6.26
N VAL A 443 2.91 -6.97 -6.49
CA VAL A 443 2.71 -5.95 -5.46
C VAL A 443 2.11 -6.58 -4.21
N ARG A 444 1.10 -7.43 -4.39
CA ARG A 444 0.44 -8.02 -3.22
C ARG A 444 1.38 -8.93 -2.47
N ASN A 445 2.16 -9.73 -3.20
CA ASN A 445 3.11 -10.60 -2.53
C ASN A 445 4.20 -9.80 -1.82
N THR A 446 4.62 -8.68 -2.42
CA THR A 446 5.54 -7.79 -1.73
C THR A 446 4.96 -7.37 -0.38
N MET A 447 3.68 -6.99 -0.37
CA MET A 447 3.07 -6.48 0.86
C MET A 447 2.77 -7.61 1.85
N LEU A 448 2.46 -8.81 1.35
CA LEU A 448 2.36 -9.96 2.25
C LEU A 448 3.71 -10.25 2.88
N HIS A 449 4.76 -10.18 2.08
CA HIS A 449 6.09 -10.41 2.62
C HIS A 449 6.49 -9.32 3.60
N ALA A 450 6.11 -8.07 3.31
CA ALA A 450 6.36 -7.00 4.26
C ALA A 450 5.61 -7.22 5.56
N TRP A 451 4.43 -7.84 5.50
CA TRP A 451 3.61 -8.05 6.68
C TRP A 451 4.14 -9.17 7.55
N PHE A 452 4.48 -10.29 6.94
CA PHE A 452 4.89 -11.49 7.68
C PHE A 452 6.39 -11.64 7.79
N GLY A 453 7.17 -10.94 6.97
CA GLY A 453 8.61 -11.03 7.00
C GLY A 453 9.24 -10.04 7.95
N LYS A 454 10.56 -9.91 7.82
CA LYS A 454 11.33 -9.16 8.81
C LYS A 454 11.19 -7.65 8.65
N ALA A 455 10.59 -7.17 7.56
CA ALA A 455 10.39 -5.73 7.47
C ALA A 455 9.36 -5.23 8.45
N HIS A 456 8.52 -6.10 8.97
CA HIS A 456 7.46 -5.68 9.88
C HIS A 456 8.06 -5.55 11.27
N HIS A 457 8.30 -4.31 11.67
CA HIS A 457 8.97 -4.02 12.93
C HIS A 457 8.02 -4.24 14.10
N ILE A 458 8.61 -4.58 15.25
CA ILE A 458 7.81 -4.93 16.44
C ILE A 458 6.96 -3.77 16.93
N SER A 459 7.30 -2.52 16.56
CA SER A 459 6.49 -1.34 16.83
C SER A 459 5.14 -1.42 16.14
N GLY A 460 5.08 -2.17 15.05
CA GLY A 460 3.96 -2.16 14.14
C GLY A 460 4.20 -1.36 12.88
N LEU A 461 5.30 -0.60 12.84
CA LEU A 461 5.68 0.08 11.62
C LEU A 461 6.44 -0.89 10.73
N ILE A 462 6.73 -0.46 9.50
CA ILE A 462 7.40 -1.31 8.52
C ILE A 462 8.70 -0.63 8.11
N ASN A 463 9.76 -1.42 7.97
CA ASN A 463 11.07 -0.90 7.60
C ASN A 463 11.05 -0.64 6.11
N ASP A 464 10.54 0.55 5.76
CA ASP A 464 10.11 0.88 4.41
C ASP A 464 11.26 1.03 3.42
N GLU A 465 12.50 1.16 3.89
N GLU A 465 12.50 1.18 3.90
CA GLU A 465 13.63 1.31 2.97
CA GLU A 465 13.63 1.31 2.99
C GLU A 465 13.79 0.08 2.09
C GLU A 465 13.75 0.09 2.08
N ASP A 466 13.38 -1.09 2.58
CA ASP A 466 13.56 -2.33 1.84
C ASP A 466 12.52 -3.31 2.36
N LEU A 467 11.45 -3.52 1.58
CA LEU A 467 10.35 -4.37 2.04
C LEU A 467 10.74 -5.84 2.11
N SER A 468 11.94 -6.21 1.65
CA SER A 468 12.37 -7.59 1.85
C SER A 468 12.70 -7.86 3.31
N GLY A 469 12.93 -6.82 4.11
CA GLY A 469 13.30 -7.00 5.49
C GLY A 469 14.78 -6.90 5.77
N ALA A 470 15.61 -6.75 4.74
CA ALA A 470 17.06 -6.76 4.94
C ALA A 470 17.58 -5.54 5.68
N VAL A 471 16.79 -4.49 5.84
CA VAL A 471 17.28 -3.22 6.39
C VAL A 471 16.57 -2.94 7.70
N SER A 472 17.32 -2.92 8.79
CA SER A 472 16.80 -2.53 10.08
C SER A 472 16.64 -1.02 10.13
N MET A 473 15.60 -0.56 10.81
CA MET A 473 15.36 0.85 11.01
C MET A 473 14.91 1.07 12.45
N ASN A 474 15.16 2.28 12.95
CA ASN A 474 14.71 2.67 14.28
C ASN A 474 14.00 4.02 14.29
N LYS A 475 13.68 4.55 13.11
CA LYS A 475 13.07 5.86 12.96
C LYS A 475 12.36 5.80 11.63
N TRP A 476 11.12 6.29 11.58
CA TRP A 476 10.31 6.16 10.39
C TRP A 476 9.57 7.48 10.16
N GLU A 477 9.33 7.80 8.90
CA GLU A 477 8.65 9.05 8.59
C GLU A 477 7.27 8.79 8.01
N ILE A 478 6.37 9.74 8.24
CA ILE A 478 4.97 9.55 7.89
C ILE A 478 4.80 9.33 6.39
N LEU A 479 5.53 10.08 5.56
CA LEU A 479 5.30 9.94 4.12
C LEU A 479 5.46 8.49 3.69
N ARG A 480 6.48 7.82 4.25
CA ARG A 480 6.77 6.46 3.85
C ARG A 480 5.86 5.45 4.54
N GLN A 481 5.61 5.64 5.85
CA GLN A 481 4.71 4.72 6.53
C GLN A 481 3.29 4.82 5.98
N ALA A 482 2.83 6.05 5.76
CA ALA A 482 1.48 6.24 5.25
C ALA A 482 1.34 5.61 3.87
N SER A 483 2.41 5.66 3.06
CA SER A 483 2.45 5.04 1.75
C SER A 483 2.15 3.56 1.77
N LEU A 484 2.63 2.91 2.83
CA LEU A 484 2.45 1.49 2.94
C LEU A 484 1.04 1.15 3.42
N VAL A 485 0.51 1.93 4.36
CA VAL A 485 -0.90 1.81 4.71
C VAL A 485 -1.75 1.99 3.48
N GLU A 486 -1.46 3.03 2.70
CA GLU A 486 -2.19 3.29 1.47
C GLU A 486 -2.15 2.07 0.57
N LEU A 487 -0.97 1.49 0.39
CA LEU A 487 -0.85 0.40 -0.56
C LEU A 487 -1.62 -0.83 -0.09
N TYR A 488 -1.58 -1.12 1.22
CA TYR A 488 -2.45 -2.19 1.72
C TYR A 488 -3.91 -1.90 1.42
N ALA A 489 -4.34 -0.65 1.62
CA ALA A 489 -5.73 -0.29 1.38
C ALA A 489 -6.07 -0.35 -0.10
N LEU A 490 -5.14 0.05 -0.96
CA LEU A 490 -5.40 -0.06 -2.40
C LEU A 490 -5.54 -1.52 -2.80
N LEU A 491 -4.71 -2.39 -2.20
CA LEU A 491 -4.83 -3.81 -2.49
C LEU A 491 -6.15 -4.35 -2.00
N ALA A 492 -6.64 -3.82 -0.87
CA ALA A 492 -7.93 -4.24 -0.34
C ALA A 492 -9.06 -3.82 -1.28
N ILE A 493 -9.00 -2.59 -1.77
CA ILE A 493 -10.00 -2.12 -2.73
C ILE A 493 -9.95 -2.99 -3.98
N TRP A 494 -8.75 -3.33 -4.43
CA TRP A 494 -8.59 -4.19 -5.58
C TRP A 494 -9.20 -5.56 -5.33
N GLU A 495 -8.91 -6.17 -4.17
CA GLU A 495 -9.49 -7.46 -3.80
C GLU A 495 -11.01 -7.40 -3.85
N SER A 496 -11.60 -6.38 -3.26
CA SER A 496 -13.03 -6.17 -3.24
C SER A 496 -13.61 -6.08 -4.65
#